data_5QQJ
#
_entry.id   5QQJ
#
_cell.length_a   62.568
_cell.length_b   62.568
_cell.length_c   342.039
_cell.angle_alpha   90.000
_cell.angle_beta   90.000
_cell.angle_gamma   120.000
#
_symmetry.space_group_name_H-M   'P 65 2 2'
#
loop_
_entity.id
_entity.type
_entity.pdbx_description
1 polymer 'Ras-related C3 botulinum toxin substrate 1'
2 polymer Kalirin
3 non-polymer 1,2-ETHANEDIOL
4 non-polymer "N-{1-[(imidazo[1,2-a]pyridin-2-yl)methyl]-1H-pyrazol-4-yl}-N'-(5-methyl-1,2-oxazol-3-yl)urea"
5 water water
#
loop_
_entity_poly.entity_id
_entity_poly.type
_entity_poly.pdbx_seq_one_letter_code
_entity_poly.pdbx_strand_id
1 'polypeptide(L)'
;SMQAIKCVVVGDGAVGKTCLLISYTTNAFPGEYIPTVFDNYSANVMVDGKPVNLGLWDTAGQEDYDRLRPLSYPQTDVFL
ICFSLVSPASFENVRAKWYPEVRHHCPNTPIILVGTKLDLRDDKDTIEKLKEKKLTPITYPQGLAMAKEIGAVKYLECSA
LTQRGLKTVFDEAIRAVL
;
A
2 'polypeptide(L)'
;SMRKKEFIMAELLQTEKAYVRDLHECLETYLWEMTSGVEEIPPGILNKEHIIFGNIQEIYDFHNNIFLKELEKYEQLPED
VGHCFVTWADKFQMYVTYCKNKPDSNQLILEHAGTFFDEIQQRHGLANSISSYLIKPVQRVTKYQLLLKELLTCCEEGKG
ELKDGLEVMLSVPKKANDAMHV
;
B
#
loop_
_chem_comp.id
_chem_comp.type
_chem_comp.name
_chem_comp.formula
EDO non-polymer 1,2-ETHANEDIOL 'C2 H6 O2'
N6J non-polymer N-{1-[(imidazo[1,2-a]pyridin-2-yl)methyl]-1H-pyrazol-4-yl}-N'-(5-methyl-1,2-oxazol-3-yl)urea 'C16 H15 N7 O2'
#
# COMPACT_ATOMS: atom_id res chain seq x y z
N MET A 2 -1.55 -24.59 3.00
CA MET A 2 -0.47 -23.94 3.80
C MET A 2 -0.90 -22.52 4.19
N GLN A 3 -0.85 -22.24 5.50
CA GLN A 3 -1.40 -21.02 6.16
C GLN A 3 -0.94 -19.75 5.43
N ALA A 4 -1.93 -18.99 4.93
CA ALA A 4 -1.76 -17.67 4.27
C ALA A 4 -1.88 -16.58 5.34
N ILE A 5 -0.99 -15.59 5.33
CA ILE A 5 -1.03 -14.48 6.34
C ILE A 5 -1.04 -13.14 5.61
N LYS A 6 -2.08 -12.35 5.84
CA LYS A 6 -2.16 -10.96 5.35
C LYS A 6 -1.63 -10.03 6.46
N CYS A 7 -0.53 -9.37 6.18
CA CYS A 7 0.09 -8.36 7.10
C CYS A 7 0.07 -6.99 6.42
N VAL A 8 -0.70 -6.06 6.98
CA VAL A 8 -0.79 -4.66 6.51
C VAL A 8 0.17 -3.81 7.34
N VAL A 9 0.92 -2.94 6.67
CA VAL A 9 1.88 -1.97 7.28
C VAL A 9 1.26 -0.57 7.22
N VAL A 10 1.02 0.01 8.39
CA VAL A 10 0.41 1.36 8.55
C VAL A 10 1.34 2.24 9.36
N GLY A 11 1.12 3.55 9.26
CA GLY A 11 1.84 4.60 10.00
C GLY A 11 2.15 5.79 9.12
N ASP A 12 2.73 6.84 9.69
CA ASP A 12 3.02 8.12 9.00
C ASP A 12 3.98 7.92 7.82
N GLY A 13 3.96 8.82 6.85
CA GLY A 13 4.99 8.88 5.78
C GLY A 13 6.42 8.81 6.33
N ALA A 14 6.70 9.46 7.48
CA ALA A 14 8.06 9.53 8.10
C ALA A 14 8.57 8.16 8.56
N VAL A 15 7.73 7.11 8.70
CA VAL A 15 8.24 5.77 9.09
C VAL A 15 9.15 5.19 7.99
N GLY A 16 8.88 5.51 6.72
CA GLY A 16 9.54 4.84 5.56
C GLY A 16 9.00 3.43 5.34
N LYS A 17 7.68 3.31 5.30
CA LYS A 17 6.94 2.02 5.13
C LYS A 17 7.47 1.30 3.90
N THR A 18 7.51 2.00 2.76
CA THR A 18 7.92 1.39 1.49
C THR A 18 9.36 0.92 1.60
N CYS A 19 10.26 1.75 2.11
CA CYS A 19 11.67 1.40 2.31
C CYS A 19 11.82 0.18 3.24
N LEU A 20 11.07 0.16 4.34
CA LEU A 20 11.05 -0.99 5.29
C LEU A 20 10.75 -2.28 4.51
N LEU A 21 9.70 -2.25 3.71
CA LEU A 21 9.17 -3.48 3.07
C LEU A 21 10.14 -3.92 1.98
N ILE A 22 10.71 -2.94 1.27
CA ILE A 22 11.67 -3.24 0.17
C ILE A 22 12.94 -3.82 0.80
N SER A 23 13.44 -3.19 1.86
CA SER A 23 14.71 -3.64 2.50
C SER A 23 14.53 -5.06 3.06
N TYR A 24 13.36 -5.35 3.63
CA TYR A 24 13.06 -6.71 4.15
C TYR A 24 13.01 -7.72 3.00
N THR A 25 12.27 -7.47 1.92
CA THR A 25 11.99 -8.53 0.90
C THR A 25 13.19 -8.77 0.00
N THR A 26 14.04 -7.77 -0.21
CA THR A 26 15.25 -7.87 -1.07
C THR A 26 16.50 -8.16 -0.21
N ASN A 27 16.38 -8.14 1.13
CA ASN A 27 17.51 -8.34 2.08
C ASN A 27 18.57 -7.25 1.86
N ALA A 28 18.16 -6.03 1.50
CA ALA A 28 19.10 -4.92 1.22
C ALA A 28 18.38 -3.57 1.29
N PHE A 29 18.95 -2.59 2.01
CA PHE A 29 18.59 -1.17 1.91
C PHE A 29 18.68 -0.78 0.43
N PRO A 30 17.68 -0.11 -0.16
CA PRO A 30 17.66 0.10 -1.61
C PRO A 30 18.74 1.11 -2.07
N GLY A 31 19.09 2.07 -1.21
CA GLY A 31 20.37 2.83 -1.22
C GLY A 31 20.43 3.90 -2.28
N GLU A 32 20.85 3.54 -3.49
CA GLU A 32 20.88 4.44 -4.66
C GLU A 32 19.60 5.30 -4.58
N TYR A 33 18.45 4.69 -4.90
CA TYR A 33 17.13 5.34 -5.10
C TYR A 33 16.12 4.64 -4.19
N ILE A 34 15.30 5.36 -3.43
CA ILE A 34 14.24 4.68 -2.63
C ILE A 34 12.95 4.59 -3.45
N PRO A 35 12.58 3.40 -3.97
CA PRO A 35 11.35 3.25 -4.75
C PRO A 35 10.14 3.76 -3.96
N THR A 36 9.16 4.36 -4.63
CA THR A 36 7.89 4.74 -3.95
C THR A 36 6.90 3.57 -4.02
N VAL A 37 7.14 2.55 -4.83
CA VAL A 37 6.08 1.51 -5.04
C VAL A 37 6.56 0.17 -4.51
N PHE A 38 5.81 -0.36 -3.54
CA PHE A 38 5.87 -1.77 -3.12
C PHE A 38 4.48 -2.39 -3.39
N ASP A 39 4.40 -3.23 -4.40
CA ASP A 39 3.15 -3.96 -4.78
C ASP A 39 2.99 -5.15 -3.83
N ASN A 40 1.74 -5.48 -3.53
CA ASN A 40 1.35 -6.58 -2.62
C ASN A 40 2.21 -7.78 -2.92
N TYR A 41 2.75 -8.38 -1.87
CA TYR A 41 3.88 -9.32 -1.97
C TYR A 41 3.49 -10.58 -1.19
N SER A 42 3.96 -11.73 -1.63
CA SER A 42 3.83 -12.97 -0.83
C SER A 42 5.07 -13.82 -1.04
N ALA A 43 5.50 -14.49 0.01
CA ALA A 43 6.61 -15.45 -0.01
C ALA A 43 6.34 -16.49 1.07
N ASN A 44 6.82 -17.71 0.84
CA ASN A 44 6.99 -18.75 1.86
C ASN A 44 8.18 -18.34 2.73
N VAL A 45 7.96 -18.16 4.04
CA VAL A 45 9.03 -18.22 5.09
C VAL A 45 8.66 -19.37 6.04
N MET A 46 9.66 -20.02 6.65
CA MET A 46 9.44 -21.00 7.74
C MET A 46 9.72 -20.26 9.05
N VAL A 47 8.81 -20.41 10.02
CA VAL A 47 8.89 -19.82 11.39
C VAL A 47 8.60 -20.91 12.42
N ASP A 48 9.54 -21.10 13.36
CA ASP A 48 9.49 -22.16 14.41
C ASP A 48 9.12 -23.46 13.70
N GLY A 49 9.89 -23.80 12.65
CA GLY A 49 9.69 -24.98 11.79
C GLY A 49 8.64 -24.72 10.72
N LYS A 50 7.37 -24.67 11.15
CA LYS A 50 6.13 -24.48 10.33
C LYS A 50 6.37 -23.48 9.21
N PRO A 51 6.54 -23.91 7.93
CA PRO A 51 6.48 -23.01 6.78
C PRO A 51 5.13 -22.29 6.64
N VAL A 52 5.14 -21.08 6.06
CA VAL A 52 4.02 -20.09 6.09
C VAL A 52 4.07 -19.19 4.84
N ASN A 53 2.90 -18.77 4.34
CA ASN A 53 2.82 -17.84 3.19
C ASN A 53 2.54 -16.44 3.70
N LEU A 54 3.56 -15.58 3.65
CA LEU A 54 3.46 -14.23 4.24
C LEU A 54 3.06 -13.24 3.17
N GLY A 55 1.95 -12.53 3.41
CA GLY A 55 1.42 -11.46 2.54
C GLY A 55 1.66 -10.10 3.16
N LEU A 56 2.31 -9.22 2.41
CA LEU A 56 2.69 -7.84 2.81
C LEU A 56 2.00 -6.83 1.89
N TRP A 57 1.18 -5.97 2.47
CA TRP A 57 0.58 -4.79 1.81
C TRP A 57 1.15 -3.50 2.43
N ASP A 58 1.65 -2.63 1.56
CA ASP A 58 2.03 -1.24 1.84
C ASP A 58 0.76 -0.38 1.81
N THR A 59 0.82 0.78 2.43
CA THR A 59 -0.28 1.79 2.45
C THR A 59 0.27 3.19 2.14
N ALA A 60 1.54 3.31 1.76
CA ALA A 60 2.15 4.61 1.41
C ALA A 60 1.28 5.26 0.32
N GLY A 61 0.98 6.55 0.49
CA GLY A 61 0.12 7.33 -0.42
C GLY A 61 -1.26 7.54 0.15
N GLN A 62 -1.67 6.76 1.16
CA GLN A 62 -3.05 6.82 1.68
C GLN A 62 -3.10 7.63 2.97
N GLU A 63 -1.95 8.16 3.41
CA GLU A 63 -1.80 8.89 4.70
C GLU A 63 -2.86 9.99 4.82
N ASP A 64 -3.32 10.61 3.73
CA ASP A 64 -4.28 11.74 3.83
C ASP A 64 -5.72 11.33 3.48
N TYR A 65 -6.02 10.05 3.23
CA TYR A 65 -7.34 9.62 2.72
C TYR A 65 -7.97 8.68 3.76
N ASP A 66 -8.60 9.30 4.76
CA ASP A 66 -9.10 8.64 5.98
C ASP A 66 -10.14 7.57 5.61
N ARG A 67 -10.91 7.75 4.54
CA ARG A 67 -11.96 6.76 4.14
C ARG A 67 -11.41 5.69 3.18
N LEU A 68 -10.28 5.93 2.51
CA LEU A 68 -9.68 4.92 1.59
C LEU A 68 -8.81 3.94 2.36
N ARG A 69 -8.11 4.41 3.38
CA ARG A 69 -7.17 3.54 4.16
C ARG A 69 -7.88 2.28 4.64
N PRO A 70 -9.10 2.36 5.22
CA PRO A 70 -9.76 1.19 5.80
C PRO A 70 -10.19 0.17 4.74
N LEU A 71 -10.16 0.52 3.46
CA LEU A 71 -10.47 -0.46 2.37
C LEU A 71 -9.43 -1.59 2.40
N SER A 72 -8.23 -1.35 2.91
CA SER A 72 -7.18 -2.40 3.05
C SER A 72 -7.38 -3.25 4.34
N TYR A 73 -8.21 -2.83 5.29
CA TYR A 73 -8.15 -3.38 6.67
C TYR A 73 -8.85 -4.74 6.78
N PRO A 74 -10.05 -4.97 6.19
CA PRO A 74 -10.73 -6.25 6.38
C PRO A 74 -9.90 -7.52 6.07
N GLN A 75 -10.03 -8.49 6.98
CA GLN A 75 -9.46 -9.86 6.90
C GLN A 75 -7.92 -9.80 7.00
N THR A 76 -7.38 -8.71 7.54
CA THR A 76 -5.96 -8.65 7.95
C THR A 76 -5.76 -9.64 9.10
N ASP A 77 -4.69 -10.43 9.04
CA ASP A 77 -4.26 -11.34 10.15
C ASP A 77 -3.42 -10.60 11.20
N VAL A 78 -2.57 -9.67 10.78
CA VAL A 78 -1.70 -8.94 11.76
C VAL A 78 -1.32 -7.58 11.17
N PHE A 79 -1.38 -6.54 11.98
CA PHE A 79 -0.94 -5.18 11.61
C PHE A 79 0.45 -4.89 12.17
N LEU A 80 1.30 -4.27 11.35
CA LEU A 80 2.45 -3.48 11.84
C LEU A 80 2.00 -2.03 11.95
N ILE A 81 1.87 -1.49 13.15
CA ILE A 81 1.65 -0.03 13.35
C ILE A 81 3.03 0.58 13.55
N CYS A 82 3.47 1.48 12.65
CA CYS A 82 4.87 1.95 12.63
C CYS A 82 4.96 3.43 13.00
N PHE A 83 6.08 3.80 13.63
CA PHE A 83 6.51 5.20 13.80
C PHE A 83 8.02 5.21 13.58
N SER A 84 8.55 6.39 13.30
CA SER A 84 10.00 6.60 13.14
C SER A 84 10.49 6.99 14.54
N LEU A 85 11.56 6.34 14.98
CA LEU A 85 12.22 6.58 16.29
C LEU A 85 12.76 8.00 16.33
N VAL A 86 12.92 8.65 15.18
CA VAL A 86 13.42 10.06 15.18
C VAL A 86 12.32 11.01 14.68
N SER A 87 11.04 10.62 14.75
CA SER A 87 9.89 11.56 14.60
C SER A 87 8.93 11.39 15.75
N PRO A 88 9.00 12.27 16.76
CA PRO A 88 8.01 12.30 17.84
C PRO A 88 6.57 12.47 17.35
N ALA A 89 6.32 13.23 16.27
CA ALA A 89 4.97 13.42 15.69
C ALA A 89 4.43 12.06 15.22
N SER A 90 5.24 11.25 14.54
CA SER A 90 4.86 9.90 14.04
C SER A 90 4.53 9.00 15.22
N PHE A 91 5.27 9.13 16.31
CA PHE A 91 5.01 8.28 17.51
C PHE A 91 3.67 8.68 18.12
N GLU A 92 3.43 9.98 18.34
CA GLU A 92 2.14 10.45 18.90
C GLU A 92 0.99 9.99 17.99
N ASN A 93 1.24 9.91 16.67
CA ASN A 93 0.18 9.56 15.67
C ASN A 93 -0.21 8.10 15.80
N VAL A 94 0.65 7.26 16.39
CA VAL A 94 0.26 5.86 16.72
C VAL A 94 -1.04 5.94 17.52
N ARG A 95 -1.05 6.86 18.47
CA ARG A 95 -2.11 7.00 19.50
C ARG A 95 -3.25 7.82 18.90
N ALA A 96 -2.94 8.90 18.20
CA ALA A 96 -3.93 9.87 17.71
C ALA A 96 -4.67 9.30 16.49
N LYS A 97 -4.01 8.49 15.66
CA LYS A 97 -4.48 8.21 14.28
C LYS A 97 -4.57 6.70 14.02
N TRP A 98 -3.46 5.97 14.10
CA TRP A 98 -3.32 4.59 13.56
C TRP A 98 -4.09 3.59 14.41
N TYR A 99 -3.80 3.55 15.70
CA TYR A 99 -4.45 2.59 16.62
C TYR A 99 -5.97 2.78 16.56
N PRO A 100 -6.53 4.00 16.72
CA PRO A 100 -7.98 4.16 16.69
C PRO A 100 -8.67 3.53 15.47
N GLU A 101 -8.15 3.76 14.26
CA GLU A 101 -8.84 3.28 13.03
C GLU A 101 -8.59 1.78 12.89
N VAL A 102 -7.38 1.29 13.20
CA VAL A 102 -7.11 -0.17 13.10
C VAL A 102 -8.04 -0.89 14.09
N ARG A 103 -8.20 -0.35 15.29
CA ARG A 103 -9.02 -1.03 16.32
C ARG A 103 -10.50 -0.94 15.92
N HIS A 104 -10.90 0.21 15.41
CA HIS A 104 -12.30 0.43 14.96
C HIS A 104 -12.68 -0.64 13.94
N HIS A 105 -11.84 -0.90 12.93
CA HIS A 105 -12.16 -1.78 11.79
C HIS A 105 -11.83 -3.23 12.16
N CYS A 106 -10.83 -3.45 13.00
CA CYS A 106 -10.29 -4.82 13.23
C CYS A 106 -10.06 -5.03 14.73
N PRO A 107 -11.14 -5.12 15.53
CA PRO A 107 -11.03 -5.18 16.99
C PRO A 107 -10.12 -6.30 17.53
N ASN A 108 -10.13 -7.48 16.92
CA ASN A 108 -9.49 -8.68 17.51
C ASN A 108 -8.24 -9.07 16.73
N THR A 109 -7.63 -8.13 16.01
CA THR A 109 -6.45 -8.41 15.17
C THR A 109 -5.21 -7.95 15.90
N PRO A 110 -4.18 -8.82 15.98
CA PRO A 110 -2.94 -8.47 16.65
C PRO A 110 -2.19 -7.32 15.95
N ILE A 111 -1.60 -6.45 16.78
CA ILE A 111 -0.74 -5.31 16.40
C ILE A 111 0.68 -5.59 16.90
N ILE A 112 1.67 -5.48 16.03
CA ILE A 112 3.09 -5.29 16.44
C ILE A 112 3.41 -3.79 16.36
N LEU A 113 3.93 -3.21 17.44
CA LEU A 113 4.35 -1.78 17.38
C LEU A 113 5.80 -1.76 16.90
N VAL A 114 6.07 -1.05 15.79
CA VAL A 114 7.44 -1.08 15.18
C VAL A 114 8.01 0.34 15.18
N GLY A 115 9.18 0.53 15.80
CA GLY A 115 9.93 1.80 15.70
C GLY A 115 10.97 1.63 14.61
N THR A 116 10.92 2.46 13.57
CA THR A 116 11.84 2.39 12.40
C THR A 116 12.92 3.46 12.59
N LYS A 117 13.94 3.44 11.72
CA LYS A 117 15.05 4.43 11.69
C LYS A 117 15.86 4.35 12.99
N LEU A 118 16.00 3.14 13.52
CA LEU A 118 16.83 2.85 14.73
C LEU A 118 18.25 3.40 14.54
N ASP A 119 18.81 3.28 13.33
CA ASP A 119 20.18 3.75 13.03
C ASP A 119 20.28 5.28 13.20
N LEU A 120 19.19 6.05 13.10
CA LEU A 120 19.23 7.53 13.25
C LEU A 120 19.13 7.97 14.73
N ARG A 121 18.73 7.11 15.66
CA ARG A 121 18.47 7.56 17.06
C ARG A 121 19.78 8.08 17.68
N ASP A 122 20.94 7.58 17.24
CA ASP A 122 22.28 7.98 17.76
C ASP A 122 23.04 8.81 16.75
N ASP A 123 22.35 9.49 15.82
CA ASP A 123 22.99 10.26 14.73
C ASP A 123 23.04 11.73 15.15
N LYS A 124 24.24 12.32 15.27
CA LYS A 124 24.43 13.71 15.80
C LYS A 124 23.54 14.70 15.02
N ASP A 125 23.60 14.66 13.68
CA ASP A 125 22.87 15.59 12.79
C ASP A 125 21.36 15.44 13.07
N THR A 126 20.83 14.21 13.11
CA THR A 126 19.41 13.93 13.46
C THR A 126 19.08 14.50 14.85
N ILE A 127 19.92 14.17 15.84
CA ILE A 127 19.71 14.58 17.26
C ILE A 127 19.67 16.12 17.33
N GLU A 128 20.63 16.80 16.69
CA GLU A 128 20.72 18.28 16.70
C GLU A 128 19.49 18.84 15.97
N LYS A 129 19.14 18.30 14.80
CA LYS A 129 17.93 18.77 14.06
C LYS A 129 16.73 18.70 15.01
N LEU A 130 16.61 17.64 15.81
CA LEU A 130 15.52 17.47 16.81
C LEU A 130 15.68 18.48 17.96
N LYS A 131 16.91 18.67 18.48
CA LYS A 131 17.17 19.58 19.63
C LYS A 131 16.70 21.01 19.27
N GLU A 132 16.94 21.45 18.03
CA GLU A 132 16.57 22.80 17.51
C GLU A 132 15.04 22.97 17.52
N LYS A 133 14.27 21.89 17.60
CA LYS A 133 12.79 21.93 17.70
C LYS A 133 12.34 21.58 19.13
N LYS A 134 13.29 21.46 20.08
CA LYS A 134 13.02 21.12 21.51
C LYS A 134 12.42 19.70 21.59
N LEU A 135 12.97 18.76 20.82
CA LEU A 135 12.55 17.33 20.82
C LEU A 135 13.78 16.44 21.02
N THR A 136 13.56 15.18 21.38
CA THR A 136 14.59 14.11 21.39
C THR A 136 14.02 12.91 20.63
N PRO A 137 14.86 11.96 20.20
CA PRO A 137 14.39 10.69 19.68
C PRO A 137 13.52 9.96 20.71
N ILE A 138 12.70 9.04 20.20
CA ILE A 138 11.85 8.13 21.03
C ILE A 138 12.78 7.03 21.52
N THR A 139 12.79 6.81 22.84
CA THR A 139 13.61 5.76 23.50
C THR A 139 12.73 4.55 23.80
N TYR A 140 13.42 3.46 24.04
CA TYR A 140 12.87 2.10 24.23
C TYR A 140 11.68 2.12 25.21
N PRO A 141 11.81 2.66 26.44
CA PRO A 141 10.70 2.64 27.38
C PRO A 141 9.46 3.36 26.83
N GLN A 142 9.63 4.42 26.02
CA GLN A 142 8.47 5.15 25.44
C GLN A 142 7.67 4.19 24.52
N GLY A 143 8.35 3.37 23.72
CA GLY A 143 7.73 2.41 22.80
C GLY A 143 7.08 1.28 23.59
N LEU A 144 7.77 0.78 24.62
CA LEU A 144 7.17 -0.20 25.57
C LEU A 144 5.86 0.37 26.13
N ALA A 145 5.87 1.60 26.63
CA ALA A 145 4.65 2.21 27.23
C ALA A 145 3.55 2.32 26.16
N MET A 146 3.91 2.75 24.93
CA MET A 146 2.91 2.92 23.85
C MET A 146 2.31 1.55 23.50
N ALA A 147 3.17 0.53 23.39
CA ALA A 147 2.77 -0.87 23.09
C ALA A 147 1.68 -1.29 24.07
N LYS A 148 1.93 -1.16 25.38
CA LYS A 148 0.94 -1.49 26.45
C LYS A 148 -0.33 -0.69 26.21
N GLU A 149 -0.23 0.62 26.05
CA GLU A 149 -1.43 1.48 25.91
C GLU A 149 -2.35 0.98 24.78
N ILE A 150 -1.80 0.46 23.66
CA ILE A 150 -2.64 0.11 22.46
C ILE A 150 -2.92 -1.40 22.40
N GLY A 151 -2.39 -2.21 23.33
CA GLY A 151 -2.58 -3.67 23.34
C GLY A 151 -1.67 -4.36 22.33
N ALA A 152 -0.55 -3.75 21.96
CA ALA A 152 0.38 -4.35 20.97
C ALA A 152 0.96 -5.61 21.59
N VAL A 153 1.07 -6.68 20.84
CA VAL A 153 1.55 -7.99 21.38
C VAL A 153 3.06 -7.85 21.57
N LYS A 154 3.71 -7.00 20.78
CA LYS A 154 5.19 -6.79 20.86
C LYS A 154 5.51 -5.35 20.50
N TYR A 155 6.52 -4.77 21.14
CA TYR A 155 7.19 -3.53 20.68
C TYR A 155 8.57 -3.93 20.16
N LEU A 156 8.88 -3.55 18.91
CA LEU A 156 10.15 -3.95 18.22
C LEU A 156 10.74 -2.73 17.52
N GLU A 157 12.06 -2.64 17.51
CA GLU A 157 12.81 -1.51 16.92
C GLU A 157 13.65 -2.10 15.79
N CYS A 158 13.72 -1.41 14.64
CA CYS A 158 14.52 -1.92 13.49
C CYS A 158 15.08 -0.74 12.68
N SER A 159 16.12 -1.07 11.90
CA SER A 159 16.66 -0.26 10.80
C SER A 159 16.51 -1.03 9.48
N ALA A 160 15.85 -0.41 8.48
CA ALA A 160 15.94 -0.85 7.08
C ALA A 160 17.41 -0.72 6.62
N LEU A 161 18.13 0.32 7.08
CA LEU A 161 19.50 0.68 6.63
C LEU A 161 20.49 -0.43 7.02
N THR A 162 20.56 -0.79 8.30
CA THR A 162 21.54 -1.78 8.84
C THR A 162 20.94 -3.19 8.87
N GLN A 163 19.61 -3.32 8.73
CA GLN A 163 18.86 -4.61 8.83
C GLN A 163 18.73 -5.03 10.30
N ARG A 164 19.22 -4.22 11.24
CA ARG A 164 19.11 -4.52 12.69
C ARG A 164 17.63 -4.64 13.05
N GLY A 165 17.24 -5.82 13.56
CA GLY A 165 15.89 -6.10 14.05
C GLY A 165 14.86 -6.28 12.94
N LEU A 166 15.27 -6.22 11.68
CA LEU A 166 14.31 -6.10 10.55
C LEU A 166 13.61 -7.45 10.38
N LYS A 167 14.39 -8.53 10.23
CA LYS A 167 13.89 -9.91 10.00
C LYS A 167 13.03 -10.32 11.20
N THR A 168 13.38 -9.84 12.41
CA THR A 168 12.63 -10.13 13.68
C THR A 168 11.22 -9.55 13.62
N VAL A 169 11.05 -8.32 13.16
CA VAL A 169 9.71 -7.68 12.98
C VAL A 169 8.73 -8.67 12.32
N PHE A 170 9.11 -9.22 11.18
CA PHE A 170 8.22 -10.04 10.32
C PHE A 170 8.10 -11.46 10.94
N ASP A 171 9.16 -11.97 11.55
CA ASP A 171 9.08 -13.25 12.32
C ASP A 171 7.99 -13.11 13.38
N GLU A 172 8.03 -12.03 14.15
CA GLU A 172 7.11 -11.78 15.28
C GLU A 172 5.70 -11.52 14.76
N ALA A 173 5.55 -10.85 13.60
CA ALA A 173 4.23 -10.68 12.95
C ALA A 173 3.63 -12.08 12.71
N ILE A 174 4.43 -13.01 12.19
CA ILE A 174 3.94 -14.38 11.88
C ILE A 174 3.58 -15.09 13.19
N ARG A 175 4.47 -15.03 14.21
CA ARG A 175 4.25 -15.66 15.53
C ARG A 175 3.01 -15.06 16.19
N ALA A 176 2.66 -13.82 15.92
CA ALA A 176 1.45 -13.20 16.51
C ALA A 176 0.20 -13.90 15.99
N VAL A 177 0.32 -14.68 14.89
CA VAL A 177 -0.86 -15.30 14.19
C VAL A 177 -0.92 -16.81 14.50
N LEU A 178 0.21 -17.50 14.60
CA LEU A 178 0.28 -18.99 14.62
C LEU A 178 -0.37 -19.54 15.90
N ARG B 3 19.43 12.21 -13.16
CA ARG B 3 19.55 10.81 -12.66
C ARG B 3 18.35 10.48 -11.77
N LYS B 4 18.05 11.28 -10.73
CA LYS B 4 16.90 10.96 -9.82
C LYS B 4 15.59 11.07 -10.61
N LYS B 5 15.41 12.15 -11.39
CA LYS B 5 14.17 12.30 -12.20
C LYS B 5 14.05 11.11 -13.16
N GLU B 6 15.17 10.56 -13.62
CA GLU B 6 15.15 9.39 -14.51
C GLU B 6 14.79 8.12 -13.73
N PHE B 7 15.26 7.93 -12.51
CA PHE B 7 14.85 6.76 -11.68
C PHE B 7 13.33 6.85 -11.47
N ILE B 8 12.81 8.01 -11.12
CA ILE B 8 11.36 8.16 -10.79
C ILE B 8 10.54 7.85 -12.06
N MET B 9 10.95 8.37 -13.22
CA MET B 9 10.21 8.16 -14.48
C MET B 9 10.22 6.67 -14.80
N ALA B 10 11.36 5.99 -14.61
CA ALA B 10 11.50 4.57 -14.91
C ALA B 10 10.52 3.79 -14.02
N GLU B 11 10.46 4.15 -12.74
CA GLU B 11 9.57 3.47 -11.77
C GLU B 11 8.13 3.72 -12.23
N LEU B 12 7.80 4.95 -12.58
CA LEU B 12 6.43 5.32 -13.00
C LEU B 12 5.98 4.37 -14.11
N LEU B 13 6.81 4.22 -15.14
CA LEU B 13 6.56 3.37 -16.31
C LEU B 13 6.56 1.90 -15.88
N GLN B 14 7.56 1.43 -15.14
CA GLN B 14 7.62 -0.02 -14.80
C GLN B 14 6.37 -0.37 -13.98
N THR B 15 5.98 0.46 -13.03
CA THR B 15 4.82 0.15 -12.14
C THR B 15 3.49 0.34 -12.90
N GLU B 16 3.45 1.20 -13.92
CA GLU B 16 2.28 1.31 -14.80
C GLU B 16 2.14 -0.01 -15.54
N LYS B 17 3.22 -0.54 -16.13
CA LYS B 17 3.18 -1.81 -16.86
C LYS B 17 2.70 -2.92 -15.92
N ALA B 18 3.15 -2.91 -14.69
CA ALA B 18 2.78 -3.96 -13.70
C ALA B 18 1.28 -3.82 -13.34
N TYR B 19 0.80 -2.59 -13.16
CA TYR B 19 -0.62 -2.31 -12.84
C TYR B 19 -1.53 -2.84 -13.97
N VAL B 20 -1.12 -2.62 -15.21
CA VAL B 20 -1.87 -3.09 -16.40
C VAL B 20 -1.86 -4.63 -16.42
N ARG B 21 -0.70 -5.27 -16.28
CA ARG B 21 -0.57 -6.74 -16.19
C ARG B 21 -1.44 -7.28 -15.04
N ASP B 22 -1.43 -6.62 -13.88
CA ASP B 22 -2.24 -6.99 -12.69
C ASP B 22 -3.74 -6.92 -13.04
N LEU B 23 -4.26 -5.81 -13.55
CA LEU B 23 -5.72 -5.70 -13.83
C LEU B 23 -6.10 -6.74 -14.90
N HIS B 24 -5.26 -6.93 -15.90
CA HIS B 24 -5.46 -7.92 -16.99
C HIS B 24 -5.62 -9.33 -16.40
N GLU B 25 -4.76 -9.70 -15.46
CA GLU B 25 -4.76 -11.02 -14.78
C GLU B 25 -6.09 -11.18 -14.03
N CYS B 26 -6.46 -10.18 -13.27
CA CYS B 26 -7.70 -10.18 -12.47
C CYS B 26 -8.92 -10.42 -13.39
N LEU B 27 -8.99 -9.70 -14.52
CA LEU B 27 -10.14 -9.78 -15.46
C LEU B 27 -10.15 -11.17 -16.11
N GLU B 28 -8.99 -11.72 -16.48
CA GLU B 28 -8.94 -12.96 -17.29
C GLU B 28 -8.84 -14.21 -16.43
N THR B 29 -8.86 -14.08 -15.10
CA THR B 29 -8.95 -15.23 -14.17
C THR B 29 -10.23 -15.08 -13.34
N TYR B 30 -10.19 -14.26 -12.30
CA TYR B 30 -11.30 -14.12 -11.34
C TYR B 30 -12.58 -13.74 -12.09
N LEU B 31 -12.53 -12.75 -12.99
CA LEU B 31 -13.77 -12.28 -13.66
C LEU B 31 -14.20 -13.31 -14.72
N TRP B 32 -13.25 -13.85 -15.47
CA TRP B 32 -13.59 -14.70 -16.63
C TRP B 32 -14.32 -15.96 -16.13
N GLU B 33 -13.96 -16.44 -14.94
CA GLU B 33 -14.56 -17.65 -14.33
C GLU B 33 -16.03 -17.38 -14.03
N MET B 34 -16.41 -16.15 -13.67
CA MET B 34 -17.82 -15.79 -13.37
C MET B 34 -18.65 -15.66 -14.65
N THR B 35 -18.08 -15.11 -15.71
CA THR B 35 -18.83 -14.71 -16.93
C THR B 35 -18.77 -15.83 -17.97
N SER B 36 -17.80 -16.72 -17.80
CA SER B 36 -17.40 -17.80 -18.74
C SER B 36 -18.61 -18.70 -18.99
N GLY B 37 -19.06 -19.37 -17.92
CA GLY B 37 -19.94 -20.55 -17.96
C GLY B 37 -19.14 -21.85 -18.01
N VAL B 38 -18.01 -21.92 -17.29
CA VAL B 38 -17.13 -23.13 -17.20
C VAL B 38 -17.17 -23.71 -15.77
N GLU B 39 -17.88 -23.06 -14.83
CA GLU B 39 -17.83 -23.39 -13.38
C GLU B 39 -19.14 -22.93 -12.71
N GLU B 40 -19.49 -23.54 -11.57
CA GLU B 40 -20.77 -23.28 -10.84
C GLU B 40 -20.58 -22.12 -9.85
N ILE B 41 -21.43 -21.10 -9.97
CA ILE B 41 -21.31 -19.80 -9.24
C ILE B 41 -22.24 -19.79 -8.03
N PRO B 42 -21.72 -19.65 -6.79
CA PRO B 42 -22.56 -19.44 -5.63
C PRO B 42 -23.77 -18.55 -5.89
N PRO B 43 -25.01 -19.04 -5.67
CA PRO B 43 -26.19 -18.18 -5.70
C PRO B 43 -25.96 -16.81 -5.04
N GLY B 44 -25.18 -16.78 -3.95
CA GLY B 44 -24.79 -15.56 -3.21
C GLY B 44 -24.32 -14.42 -4.14
N ILE B 45 -23.60 -14.76 -5.21
CA ILE B 45 -22.92 -13.75 -6.08
C ILE B 45 -23.37 -13.80 -7.54
N LEU B 46 -24.18 -14.79 -7.93
CA LEU B 46 -24.61 -15.00 -9.33
C LEU B 46 -25.03 -13.65 -9.90
N ASN B 47 -24.50 -13.29 -11.06
CA ASN B 47 -24.83 -12.05 -11.83
C ASN B 47 -24.55 -10.80 -10.99
N LYS B 48 -23.65 -10.85 -10.00
CA LYS B 48 -23.28 -9.66 -9.18
C LYS B 48 -21.79 -9.30 -9.40
N GLU B 49 -21.22 -9.66 -10.57
CA GLU B 49 -19.85 -9.26 -10.99
C GLU B 49 -19.77 -7.73 -11.07
N HIS B 50 -20.86 -7.06 -11.47
CA HIS B 50 -20.94 -5.58 -11.43
C HIS B 50 -20.55 -5.07 -10.04
N ILE B 51 -21.01 -5.73 -8.98
CA ILE B 51 -20.76 -5.25 -7.59
C ILE B 51 -19.33 -5.62 -7.20
N ILE B 52 -18.94 -6.86 -7.47
CA ILE B 52 -17.62 -7.42 -7.10
C ILE B 52 -16.48 -6.61 -7.74
N PHE B 53 -16.49 -6.46 -9.06
CA PHE B 53 -15.36 -5.90 -9.85
C PHE B 53 -15.55 -4.40 -10.08
N GLY B 54 -16.68 -3.83 -9.65
CA GLY B 54 -17.05 -2.44 -9.95
C GLY B 54 -16.73 -2.10 -11.39
N ASN B 55 -16.16 -0.93 -11.67
CA ASN B 55 -15.84 -0.52 -13.05
C ASN B 55 -14.38 -0.84 -13.41
N ILE B 56 -13.84 -1.97 -12.94
CA ILE B 56 -12.37 -2.24 -13.09
C ILE B 56 -12.03 -2.50 -14.56
N GLN B 57 -12.94 -3.11 -15.32
CA GLN B 57 -12.82 -3.24 -16.80
C GLN B 57 -12.50 -1.87 -17.41
N GLU B 58 -13.27 -0.85 -17.07
CA GLU B 58 -13.20 0.50 -17.70
C GLU B 58 -11.86 1.14 -17.29
N ILE B 59 -11.47 0.96 -16.02
CA ILE B 59 -10.17 1.43 -15.50
C ILE B 59 -9.05 0.75 -16.29
N TYR B 60 -9.09 -0.58 -16.42
CA TYR B 60 -8.09 -1.33 -17.22
C TYR B 60 -8.08 -0.81 -18.67
N ASP B 61 -9.25 -0.55 -19.27
CA ASP B 61 -9.29 -0.14 -20.69
C ASP B 61 -8.57 1.21 -20.83
N PHE B 62 -8.78 2.12 -19.89
CA PHE B 62 -8.12 3.46 -19.87
C PHE B 62 -6.60 3.27 -19.85
N HIS B 63 -6.08 2.52 -18.87
CA HIS B 63 -4.63 2.32 -18.68
C HIS B 63 -4.05 1.55 -19.87
N ASN B 64 -4.75 0.52 -20.33
CA ASN B 64 -4.21 -0.41 -21.33
C ASN B 64 -4.35 0.23 -22.73
N ASN B 65 -5.40 0.99 -23.01
CA ASN B 65 -5.62 1.54 -24.38
C ASN B 65 -4.91 2.88 -24.53
N ILE B 66 -4.89 3.70 -23.47
CA ILE B 66 -4.48 5.13 -23.50
C ILE B 66 -3.29 5.41 -22.56
N PHE B 67 -3.43 5.19 -21.25
CA PHE B 67 -2.58 5.95 -20.29
C PHE B 67 -1.14 5.44 -20.37
N LEU B 68 -0.92 4.12 -20.42
CA LEU B 68 0.44 3.56 -20.49
C LEU B 68 1.14 4.02 -21.78
N LYS B 69 0.45 4.00 -22.93
CA LYS B 69 1.00 4.51 -24.22
C LYS B 69 1.39 5.99 -24.09
N GLU B 70 0.58 6.82 -23.44
CA GLU B 70 0.89 8.27 -23.30
C GLU B 70 2.01 8.46 -22.27
N LEU B 71 2.03 7.71 -21.16
CA LEU B 71 3.17 7.83 -20.20
C LEU B 71 4.46 7.46 -20.93
N GLU B 72 4.43 6.46 -21.77
CA GLU B 72 5.65 6.02 -22.51
C GLU B 72 6.18 7.18 -23.34
N LYS B 73 5.30 8.01 -23.89
CA LYS B 73 5.73 9.10 -24.81
C LYS B 73 6.47 10.19 -24.01
N TYR B 74 6.22 10.27 -22.71
CA TYR B 74 6.91 11.21 -21.79
C TYR B 74 8.15 10.57 -21.13
N GLU B 75 8.62 9.40 -21.56
CA GLU B 75 9.78 8.73 -20.92
C GLU B 75 10.96 9.70 -20.84
N GLN B 76 11.32 10.36 -21.95
CA GLN B 76 12.48 11.27 -22.00
C GLN B 76 12.08 12.70 -21.61
N LEU B 77 10.86 12.92 -21.12
CA LEU B 77 10.36 14.26 -20.73
C LEU B 77 9.81 14.21 -19.33
N PRO B 78 10.53 13.68 -18.34
CA PRO B 78 9.97 13.53 -16.98
C PRO B 78 9.44 14.85 -16.41
N GLU B 79 10.11 15.96 -16.70
CA GLU B 79 9.77 17.29 -16.12
C GLU B 79 8.40 17.76 -16.64
N ASP B 80 7.93 17.19 -17.75
CA ASP B 80 6.63 17.52 -18.42
C ASP B 80 5.51 16.53 -18.04
N VAL B 81 5.77 15.46 -17.30
CA VAL B 81 4.79 14.32 -17.23
C VAL B 81 3.53 14.74 -16.46
N GLY B 82 3.58 15.80 -15.66
CA GLY B 82 2.38 16.33 -14.99
C GLY B 82 1.27 16.58 -15.99
N HIS B 83 1.63 17.03 -17.20
CA HIS B 83 0.69 17.34 -18.30
C HIS B 83 -0.07 16.06 -18.71
N CYS B 84 0.55 14.88 -18.65
CA CYS B 84 -0.13 13.61 -18.96
C CYS B 84 -1.36 13.46 -18.08
N PHE B 85 -1.24 13.80 -16.80
CA PHE B 85 -2.36 13.70 -15.82
C PHE B 85 -3.40 14.79 -16.08
N VAL B 86 -2.96 15.97 -16.50
CA VAL B 86 -3.92 17.07 -16.80
C VAL B 86 -4.75 16.65 -18.00
N THR B 87 -4.12 16.22 -19.09
CA THR B 87 -4.79 15.74 -20.32
C THR B 87 -5.88 14.72 -19.98
N TRP B 88 -5.57 13.74 -19.12
CA TRP B 88 -6.45 12.55 -18.91
C TRP B 88 -7.24 12.67 -17.60
N ALA B 89 -7.30 13.85 -17.01
CA ALA B 89 -7.91 14.08 -15.68
C ALA B 89 -9.32 13.47 -15.59
N ASP B 90 -10.11 13.61 -16.67
CA ASP B 90 -11.53 13.16 -16.69
C ASP B 90 -11.59 11.65 -16.49
N LYS B 91 -10.70 10.90 -17.11
CA LYS B 91 -10.66 9.41 -17.02
C LYS B 91 -10.50 8.97 -15.56
N PHE B 92 -9.72 9.70 -14.76
CA PHE B 92 -9.40 9.32 -13.37
C PHE B 92 -10.63 9.40 -12.48
N GLN B 93 -11.67 10.06 -12.98
CA GLN B 93 -12.96 10.17 -12.24
C GLN B 93 -13.51 8.76 -12.01
N MET B 94 -13.16 7.77 -12.83
CA MET B 94 -13.75 6.42 -12.65
C MET B 94 -13.18 5.73 -11.41
N TYR B 95 -12.10 6.25 -10.82
CA TYR B 95 -11.59 5.76 -9.50
C TYR B 95 -12.56 6.20 -8.40
N VAL B 96 -13.28 7.30 -8.59
CA VAL B 96 -14.30 7.74 -7.60
C VAL B 96 -15.38 6.65 -7.53
N THR B 97 -15.91 6.26 -8.68
CA THR B 97 -16.90 5.15 -8.82
C THR B 97 -16.34 3.87 -8.20
N TYR B 98 -15.07 3.55 -8.47
CA TYR B 98 -14.44 2.28 -8.04
C TYR B 98 -14.38 2.23 -6.51
N CYS B 99 -13.85 3.29 -5.90
CA CYS B 99 -13.65 3.41 -4.42
C CYS B 99 -14.99 3.33 -3.69
N LYS B 100 -15.97 4.13 -4.13
CA LYS B 100 -17.38 4.12 -3.63
C LYS B 100 -17.89 2.69 -3.51
N ASN B 101 -17.62 1.84 -4.51
CA ASN B 101 -18.21 0.49 -4.63
C ASN B 101 -17.46 -0.52 -3.75
N LYS B 102 -16.19 -0.26 -3.43
CA LYS B 102 -15.24 -1.29 -2.95
C LYS B 102 -15.74 -1.96 -1.66
N PRO B 103 -16.33 -1.24 -0.69
CA PRO B 103 -16.87 -1.90 0.50
C PRO B 103 -17.94 -2.95 0.17
N ASP B 104 -18.94 -2.55 -0.62
CA ASP B 104 -20.00 -3.48 -1.12
C ASP B 104 -19.31 -4.70 -1.78
N SER B 105 -18.25 -4.49 -2.57
CA SER B 105 -17.51 -5.60 -3.22
C SER B 105 -17.02 -6.57 -2.17
N ASN B 106 -16.39 -6.03 -1.13
CA ASN B 106 -15.67 -6.85 -0.12
C ASN B 106 -16.68 -7.65 0.70
N GLN B 107 -17.76 -7.02 1.15
CA GLN B 107 -18.82 -7.71 1.96
C GLN B 107 -19.46 -8.83 1.12
N LEU B 108 -19.87 -8.52 -0.11
CA LEU B 108 -20.41 -9.53 -1.06
C LEU B 108 -19.47 -10.73 -1.14
N ILE B 109 -18.15 -10.53 -1.27
CA ILE B 109 -17.18 -11.67 -1.39
C ILE B 109 -17.14 -12.41 -0.06
N LEU B 110 -17.09 -11.68 1.05
CA LEU B 110 -17.06 -12.26 2.41
C LEU B 110 -18.31 -13.09 2.65
N GLU B 111 -19.47 -12.44 2.63
CA GLU B 111 -20.77 -12.98 3.10
C GLU B 111 -21.31 -14.07 2.17
N HIS B 112 -20.96 -14.07 0.89
CA HIS B 112 -21.74 -14.81 -0.15
C HIS B 112 -20.87 -15.60 -1.13
N ALA B 113 -19.55 -15.50 -1.09
CA ALA B 113 -18.70 -16.11 -2.15
C ALA B 113 -18.09 -17.41 -1.67
N GLY B 114 -18.17 -17.68 -0.36
CA GLY B 114 -17.45 -18.79 0.28
C GLY B 114 -16.06 -18.85 -0.29
N THR B 115 -15.68 -19.93 -0.96
CA THR B 115 -14.27 -20.16 -1.41
C THR B 115 -14.20 -20.22 -2.93
N PHE B 116 -15.18 -19.63 -3.64
CA PHE B 116 -15.25 -19.69 -5.12
C PHE B 116 -13.91 -19.18 -5.67
N PHE B 117 -13.54 -17.96 -5.24
CA PHE B 117 -12.34 -17.23 -5.71
C PHE B 117 -11.05 -17.88 -5.20
N ASP B 118 -11.02 -18.40 -3.97
CA ASP B 118 -9.83 -19.13 -3.46
C ASP B 118 -9.52 -20.35 -4.34
N GLU B 119 -10.56 -21.12 -4.70
CA GLU B 119 -10.46 -22.27 -5.63
C GLU B 119 -9.87 -21.74 -6.94
N ILE B 120 -10.42 -20.66 -7.52
CA ILE B 120 -9.86 -20.08 -8.78
C ILE B 120 -8.38 -19.76 -8.53
N GLN B 121 -8.05 -19.10 -7.43
CA GLN B 121 -6.63 -18.69 -7.16
C GLN B 121 -5.72 -19.91 -7.20
N GLN B 122 -6.11 -20.98 -6.48
CA GLN B 122 -5.33 -22.24 -6.37
C GLN B 122 -5.20 -22.85 -7.77
N ARG B 123 -6.34 -23.02 -8.46
CA ARG B 123 -6.42 -23.59 -9.83
C ARG B 123 -5.45 -22.85 -10.76
N HIS B 124 -5.38 -21.51 -10.69
CA HIS B 124 -4.54 -20.69 -11.61
C HIS B 124 -3.11 -20.53 -11.07
N GLY B 125 -2.87 -20.73 -9.77
CA GLY B 125 -1.52 -20.66 -9.18
C GLY B 125 -1.08 -19.23 -8.94
N LEU B 126 -2.02 -18.39 -8.49
CA LEU B 126 -1.81 -16.94 -8.33
C LEU B 126 -1.35 -16.64 -6.90
N ALA B 127 -0.22 -15.93 -6.78
CA ALA B 127 0.28 -15.33 -5.53
C ALA B 127 -0.79 -14.39 -4.95
N ASN B 128 -1.56 -13.69 -5.80
CA ASN B 128 -2.52 -12.67 -5.33
C ASN B 128 -3.95 -13.19 -5.33
N SER B 129 -4.66 -12.94 -4.25
CA SER B 129 -6.08 -13.28 -4.02
C SER B 129 -6.89 -12.29 -4.82
N ILE B 130 -8.17 -12.60 -5.04
CA ILE B 130 -9.09 -11.61 -5.65
C ILE B 130 -9.01 -10.33 -4.83
N SER B 131 -8.95 -10.42 -3.49
CA SER B 131 -8.91 -9.21 -2.61
C SER B 131 -7.65 -8.35 -2.86
N SER B 132 -6.49 -8.99 -3.04
CA SER B 132 -5.20 -8.35 -3.38
C SER B 132 -5.36 -7.59 -4.71
N TYR B 133 -5.97 -8.23 -5.70
CA TYR B 133 -6.14 -7.59 -7.03
C TYR B 133 -7.09 -6.41 -6.85
N LEU B 134 -8.18 -6.55 -6.10
CA LEU B 134 -9.24 -5.51 -6.11
C LEU B 134 -8.84 -4.28 -5.27
N ILE B 135 -7.80 -4.37 -4.45
CA ILE B 135 -7.29 -3.17 -3.71
C ILE B 135 -6.38 -2.35 -4.65
N LYS B 136 -5.88 -2.96 -5.72
CA LYS B 136 -4.79 -2.35 -6.55
C LYS B 136 -5.23 -1.00 -7.12
N PRO B 137 -6.47 -0.82 -7.61
CA PRO B 137 -6.85 0.48 -8.15
C PRO B 137 -6.81 1.54 -7.04
N VAL B 138 -7.12 1.15 -5.82
CA VAL B 138 -7.10 2.10 -4.67
C VAL B 138 -5.64 2.47 -4.40
N GLN B 139 -4.73 1.51 -4.49
CA GLN B 139 -3.29 1.75 -4.24
C GLN B 139 -2.76 2.67 -5.34
N ARG B 140 -3.05 2.32 -6.60
CA ARG B 140 -2.44 3.00 -7.77
C ARG B 140 -2.82 4.47 -7.73
N VAL B 141 -4.08 4.77 -7.41
CA VAL B 141 -4.63 6.14 -7.59
C VAL B 141 -4.10 7.06 -6.49
N THR B 142 -3.57 6.50 -5.39
CA THR B 142 -2.97 7.28 -4.27
C THR B 142 -1.44 7.33 -4.42
N LYS B 143 -0.90 6.65 -5.41
CA LYS B 143 0.56 6.52 -5.65
C LYS B 143 1.06 7.55 -6.65
N TYR B 144 0.26 7.89 -7.67
CA TYR B 144 0.68 8.88 -8.70
C TYR B 144 1.15 10.17 -8.02
N GLN B 145 0.41 10.67 -7.03
CA GLN B 145 0.78 11.91 -6.29
C GLN B 145 2.15 11.77 -5.61
N LEU B 146 2.52 10.59 -5.11
CA LEU B 146 3.86 10.38 -4.47
C LEU B 146 4.97 10.51 -5.52
N LEU B 147 4.80 9.88 -6.68
CA LEU B 147 5.78 9.96 -7.79
C LEU B 147 5.91 11.40 -8.26
N LEU B 148 4.81 12.15 -8.37
CA LEU B 148 4.89 13.56 -8.85
C LEU B 148 5.62 14.41 -7.80
N LYS B 149 5.29 14.24 -6.51
CA LYS B 149 6.04 14.91 -5.41
C LYS B 149 7.55 14.60 -5.53
N GLU B 150 7.93 13.35 -5.76
CA GLU B 150 9.36 13.02 -5.95
C GLU B 150 9.94 13.82 -7.11
N LEU B 151 9.27 13.89 -8.27
CA LEU B 151 9.81 14.64 -9.44
C LEU B 151 9.98 16.12 -9.05
N LEU B 152 9.09 16.65 -8.22
CA LEU B 152 9.15 18.07 -7.78
C LEU B 152 10.42 18.35 -6.97
N THR B 153 10.95 17.39 -6.25
CA THR B 153 12.17 17.59 -5.42
C THR B 153 13.41 17.65 -6.32
N CYS B 154 13.31 17.36 -7.62
CA CYS B 154 14.51 17.20 -8.48
C CYS B 154 14.29 17.70 -9.93
N CYS B 155 13.25 18.52 -10.19
CA CYS B 155 12.98 19.20 -11.49
C CYS B 155 12.94 20.74 -11.29
N GLU B 156 13.50 21.49 -12.26
CA GLU B 156 13.95 22.91 -12.16
C GLU B 156 12.84 23.84 -11.62
N GLU B 157 11.74 23.98 -12.37
CA GLU B 157 10.79 25.13 -12.27
C GLU B 157 10.20 25.41 -13.66
N GLY B 158 10.82 24.85 -14.72
CA GLY B 158 10.09 24.21 -15.83
C GLY B 158 9.34 23.01 -15.27
N LYS B 159 8.56 23.26 -14.20
CA LYS B 159 8.04 22.26 -13.23
C LYS B 159 6.71 22.76 -12.62
N GLY B 160 5.95 23.58 -13.35
CA GLY B 160 4.48 23.73 -13.23
C GLY B 160 3.77 22.77 -14.17
N GLU B 161 4.56 22.10 -15.03
CA GLU B 161 4.22 20.84 -15.75
C GLU B 161 4.41 19.62 -14.84
N LEU B 162 4.33 19.86 -13.52
CA LEU B 162 4.29 18.86 -12.42
C LEU B 162 3.24 19.31 -11.42
N LYS B 163 3.31 20.58 -10.98
CA LYS B 163 2.37 21.26 -10.05
C LYS B 163 0.91 20.98 -10.41
N ASP B 164 0.53 21.21 -11.66
CA ASP B 164 -0.88 21.09 -12.13
C ASP B 164 -1.24 19.59 -12.15
N GLY B 165 -0.32 18.75 -12.64
CA GLY B 165 -0.49 17.29 -12.65
C GLY B 165 -0.73 16.76 -11.24
N LEU B 166 0.05 17.23 -10.28
CA LEU B 166 -0.02 16.79 -8.86
C LEU B 166 -1.36 17.24 -8.28
N GLU B 167 -1.72 18.51 -8.52
CA GLU B 167 -3.04 19.10 -8.15
C GLU B 167 -4.15 18.10 -8.50
N VAL B 168 -4.23 17.73 -9.79
CA VAL B 168 -5.21 16.74 -10.34
C VAL B 168 -5.12 15.44 -9.54
N MET B 169 -3.90 14.93 -9.33
CA MET B 169 -3.69 13.59 -8.70
C MET B 169 -3.76 13.66 -7.17
N LEU B 170 -3.96 14.86 -6.62
CA LEU B 170 -4.35 15.04 -5.21
C LEU B 170 -5.86 15.13 -5.12
N SER B 171 -6.47 15.78 -6.13
CA SER B 171 -7.93 16.07 -6.18
C SER B 171 -8.74 14.77 -6.33
N VAL B 172 -8.39 13.92 -7.31
CA VAL B 172 -9.02 12.59 -7.63
C VAL B 172 -9.12 11.73 -6.36
N PRO B 173 -8.01 11.32 -5.70
CA PRO B 173 -8.10 10.53 -4.47
C PRO B 173 -8.89 11.23 -3.35
N LYS B 174 -8.80 12.55 -3.22
CA LYS B 174 -9.58 13.30 -2.19
C LYS B 174 -11.07 13.23 -2.56
N LYS B 175 -11.39 13.37 -3.85
CA LYS B 175 -12.79 13.26 -4.32
C LYS B 175 -13.30 11.84 -4.06
N ALA B 176 -12.47 10.83 -4.32
CA ALA B 176 -12.81 9.40 -4.07
C ALA B 176 -13.02 9.18 -2.57
N ASN B 177 -12.10 9.71 -1.76
CA ASN B 177 -12.17 9.65 -0.27
C ASN B 177 -13.51 10.26 0.16
N ASP B 178 -13.83 11.44 -0.38
CA ASP B 178 -14.98 12.27 0.10
C ASP B 178 -16.28 11.61 -0.34
N ALA B 179 -16.26 10.70 -1.32
CA ALA B 179 -17.43 10.00 -1.88
C ALA B 179 -17.79 8.76 -1.04
N MET B 180 -16.94 8.33 -0.10
CA MET B 180 -17.19 7.10 0.70
C MET B 180 -18.25 7.43 1.76
N HIS B 181 -19.06 6.43 2.15
CA HIS B 181 -20.23 6.57 3.06
C HIS B 181 -19.87 7.43 4.27
C1 EDO C . 22.08 3.24 23.03
O1 EDO C . 21.43 4.44 22.64
C2 EDO C . 23.28 3.51 23.84
O2 EDO C . 24.02 4.62 23.35
N1 N6J D . 18.86 5.47 7.60
N3 N6J D . 20.37 7.35 4.99
C4 N6J D . 17.57 5.00 7.27
C5 N6J D . 19.65 6.24 6.78
C6 N6J D . 20.92 6.87 7.06
C7 N6J D . 20.24 8.21 3.76
C8 N6J D . 19.78 9.44 4.44
C10 N6J D . 20.05 12.61 6.09
C13 N6J D . 18.23 10.81 7.34
C15 N6J D . 19.35 6.54 5.43
N N6J D . 17.03 4.12 8.30
C N6J D . 12.50 2.63 6.90
O N6J D . 16.91 5.28 6.22
C1 N6J D . 13.80 2.88 7.48
C11 N6J D . 19.41 12.92 7.26
C12 N6J D . 18.51 12.02 7.88
C14 N6J D . 18.89 10.45 6.14
C2 N6J D . 14.84 3.68 7.08
C3 N6J D . 15.81 3.50 8.15
C9 N6J D . 20.36 10.70 4.40
N2 N6J D . 21.36 7.54 5.95
N4 N6J D . 19.80 11.36 5.53
N5 N6J D . 18.85 9.31 5.49
N6 N6J D . 15.32 2.62 9.07
O1 N6J D . 14.08 2.23 8.67
#